data_6HEE
#
_entry.id   6HEE
#
_cell.length_a   84.610
_cell.length_b   84.610
_cell.length_c   106.189
_cell.angle_alpha   90.00
_cell.angle_beta   90.00
_cell.angle_gamma   90.00
#
_symmetry.space_group_name_H-M   'P 43 21 2'
#
loop_
_entity.id
_entity.type
_entity.pdbx_description
1 polymer 'Cell division protein FtsX'
2 non-polymer UNDECYL-MALTOSIDE
3 non-polymer 'SULFATE ION'
4 non-polymer 2-AMINO-2-HYDROXYMETHYL-PROPANE-1,3-DIOL
5 water water
#
_entity_poly.entity_id   1
_entity_poly.type   'polypeptide(L)'
_entity_poly.pdbx_seq_one_letter_code
;KLATDIENNVRVVVYIRKDVEDNSQTIEKEGQTVTNNDYHKVYDSLKNMSTVKSVTFSSKEEQYEKLTEIMGDNWKIFEG
DANPLYDAYIVEANAPNDVKTIAEDAKKIEGVSEVQD
;
_entity_poly.pdbx_strand_id   A,B
#
loop_
_chem_comp.id
_chem_comp.type
_chem_comp.name
_chem_comp.formula
SO4 non-polymer 'SULFATE ION' 'O4 S -2'
TRS non-polymer 2-AMINO-2-HYDROXYMETHYL-PROPANE-1,3-DIOL 'C4 H12 N O3 1'
UMQ non-polymer UNDECYL-MALTOSIDE 'C23 H44 O11'
#
# COMPACT_ATOMS: atom_id res chain seq x y z
N LEU A 2 1.49 6.75 -10.31
CA LEU A 2 0.03 6.86 -10.23
C LEU A 2 -0.57 5.75 -9.36
N ALA A 3 -1.65 6.06 -8.67
CA ALA A 3 -2.18 5.22 -7.60
C ALA A 3 -3.36 4.38 -8.05
N THR A 4 -3.45 3.15 -7.54
CA THR A 4 -4.58 2.27 -7.79
C THR A 4 -5.58 2.30 -6.65
N ASP A 5 -6.86 2.18 -6.99
CA ASP A 5 -7.97 2.43 -6.06
C ASP A 5 -9.06 1.37 -6.29
N ILE A 6 -9.12 0.35 -5.42
CA ILE A 6 -10.11 -0.72 -5.61
C ILE A 6 -10.62 -1.18 -4.25
N GLU A 7 -11.90 -1.58 -4.25
CA GLU A 7 -12.57 -1.98 -3.02
C GLU A 7 -12.02 -3.31 -2.51
N ASN A 8 -11.95 -3.43 -1.18
CA ASN A 8 -11.39 -4.63 -0.57
C ASN A 8 -12.16 -5.89 -1.00
N ASN A 9 -13.50 -5.81 -1.02
CA ASN A 9 -14.29 -7.01 -1.33
C ASN A 9 -14.09 -7.52 -2.75
N VAL A 10 -13.27 -6.86 -3.56
CA VAL A 10 -13.11 -7.28 -4.95
C VAL A 10 -11.63 -7.49 -5.31
N ARG A 11 -10.76 -7.50 -4.31
CA ARG A 11 -9.32 -7.55 -4.59
C ARG A 11 -8.71 -8.90 -4.27
N VAL A 12 -7.81 -9.32 -5.14
CA VAL A 12 -7.03 -10.54 -5.00
C VAL A 12 -5.57 -10.14 -5.18
N VAL A 13 -4.71 -10.53 -4.22
CA VAL A 13 -3.27 -10.28 -4.33
C VAL A 13 -2.58 -11.57 -4.76
N VAL A 14 -1.80 -11.47 -5.82
CA VAL A 14 -1.08 -12.60 -6.41
C VAL A 14 0.41 -12.35 -6.24
N TYR A 15 1.05 -13.13 -5.35
CA TYR A 15 2.46 -12.94 -5.02
C TYR A 15 3.33 -13.74 -5.98
N ILE A 16 4.34 -13.09 -6.56
CA ILE A 16 5.15 -13.68 -7.62
C ILE A 16 6.35 -14.39 -7.01
N ARG A 17 6.62 -15.60 -7.48
CA ARG A 17 7.83 -16.33 -7.09
C ARG A 17 9.05 -15.43 -7.22
N LYS A 18 9.91 -15.47 -6.21
CA LYS A 18 11.10 -14.62 -6.21
C LYS A 18 12.03 -14.89 -7.40
N ASP A 19 11.97 -16.08 -8.01
CA ASP A 19 12.86 -16.39 -9.13
C ASP A 19 12.19 -16.16 -10.49
N VAL A 20 11.03 -15.52 -10.52
CA VAL A 20 10.30 -15.23 -11.75
C VAL A 20 10.29 -13.72 -11.95
N GLU A 21 10.69 -13.29 -13.13
CA GLU A 21 10.75 -11.85 -13.41
C GLU A 21 9.63 -11.47 -14.36
N ASP A 22 8.38 -11.63 -13.91
CA ASP A 22 7.24 -11.48 -14.80
C ASP A 22 7.15 -10.08 -15.42
N ASN A 23 7.65 -9.06 -14.74
CA ASN A 23 7.50 -7.69 -15.22
C ASN A 23 8.72 -7.15 -15.94
N SER A 24 9.74 -7.98 -16.15
CA SER A 24 10.97 -7.57 -16.84
C SER A 24 10.91 -8.02 -18.28
N GLN A 25 11.02 -7.07 -19.20
CA GLN A 25 11.04 -7.41 -20.61
C GLN A 25 12.38 -8.00 -21.04
N THR A 26 13.48 -7.63 -20.36
CA THR A 26 14.80 -8.18 -20.66
C THR A 26 15.43 -8.80 -19.42
N ILE A 27 16.23 -9.84 -19.65
CA ILE A 27 16.99 -10.52 -18.61
C ILE A 27 18.38 -10.87 -19.17
N GLU A 28 19.27 -11.27 -18.27
CA GLU A 28 20.62 -11.63 -18.65
C GLU A 28 20.72 -13.14 -18.80
N LYS A 29 21.12 -13.60 -19.98
CA LYS A 29 21.37 -15.02 -20.23
C LYS A 29 22.73 -15.19 -20.91
N GLU A 30 23.59 -16.00 -20.29
CA GLU A 30 24.94 -16.29 -20.80
C GLU A 30 25.74 -15.02 -21.04
N GLY A 31 25.47 -13.97 -20.27
CA GLY A 31 26.24 -12.75 -20.34
C GLY A 31 25.72 -11.73 -21.32
N GLN A 32 24.65 -12.02 -22.04
CA GLN A 32 24.02 -11.04 -22.91
C GLN A 32 22.65 -10.63 -22.37
N THR A 33 22.21 -9.46 -22.81
CA THR A 33 20.85 -8.98 -22.54
C THR A 33 19.95 -9.51 -23.64
N VAL A 34 19.07 -10.45 -23.30
CA VAL A 34 18.16 -11.06 -24.25
C VAL A 34 16.73 -10.75 -23.79
N THR A 35 15.79 -10.83 -24.73
CA THR A 35 14.40 -10.61 -24.34
C THR A 35 13.95 -11.77 -23.46
N ASN A 36 13.08 -11.47 -22.50
CA ASN A 36 12.58 -12.46 -21.56
C ASN A 36 11.35 -13.13 -22.16
N ASN A 37 11.46 -14.41 -22.49
CA ASN A 37 10.40 -15.12 -23.20
C ASN A 37 9.21 -15.39 -22.31
N ASP A 38 9.40 -15.38 -20.98
CA ASP A 38 8.31 -15.53 -20.03
C ASP A 38 7.78 -14.19 -19.51
N TYR A 39 8.10 -13.09 -20.19
CA TYR A 39 7.58 -11.79 -19.77
C TYR A 39 6.06 -11.80 -19.77
N HIS A 40 5.47 -11.32 -18.68
CA HIS A 40 4.00 -11.21 -18.55
C HIS A 40 3.29 -12.53 -18.74
N LYS A 41 3.91 -13.64 -18.36
CA LYS A 41 3.19 -14.90 -18.44
C LYS A 41 2.14 -14.98 -17.33
N VAL A 42 2.50 -14.54 -16.13
CA VAL A 42 1.55 -14.50 -15.03
C VAL A 42 0.52 -13.42 -15.28
N TYR A 43 0.98 -12.23 -15.67
CA TYR A 43 0.06 -11.14 -16.01
C TYR A 43 -1.00 -11.62 -16.99
N ASP A 44 -0.58 -12.28 -18.08
CA ASP A 44 -1.48 -12.65 -19.16
C ASP A 44 -2.48 -13.71 -18.71
N SER A 45 -2.03 -14.70 -17.93
CA SER A 45 -2.99 -15.66 -17.38
C SER A 45 -4.02 -14.99 -16.47
N LEU A 46 -3.65 -13.91 -15.77
CA LEU A 46 -4.62 -13.25 -14.89
C LEU A 46 -5.57 -12.38 -15.70
N LYS A 47 -5.01 -11.56 -16.58
CA LYS A 47 -5.79 -10.68 -17.44
C LYS A 47 -6.76 -11.47 -18.33
N ASN A 48 -6.40 -12.69 -18.73
CA ASN A 48 -7.27 -13.42 -19.63
C ASN A 48 -8.39 -14.19 -18.93
N MET A 49 -8.50 -14.13 -17.61
CA MET A 49 -9.69 -14.63 -16.94
C MET A 49 -10.86 -13.70 -17.21
N SER A 50 -12.00 -14.25 -17.63
CA SER A 50 -13.20 -13.44 -17.89
C SER A 50 -13.62 -12.64 -16.66
N THR A 51 -13.43 -13.20 -15.47
CA THR A 51 -13.89 -12.57 -14.23
C THR A 51 -12.99 -11.46 -13.73
N VAL A 52 -11.88 -11.16 -14.42
CA VAL A 52 -10.91 -10.19 -13.92
C VAL A 52 -11.12 -8.84 -14.59
N LYS A 53 -11.08 -7.77 -13.80
CA LYS A 53 -11.25 -6.44 -14.37
C LYS A 53 -9.93 -5.77 -14.74
N SER A 54 -8.97 -5.72 -13.80
CA SER A 54 -7.65 -5.15 -14.06
C SER A 54 -6.61 -5.89 -13.23
N VAL A 55 -5.35 -5.76 -13.65
CA VAL A 55 -4.23 -6.46 -13.04
C VAL A 55 -3.07 -5.45 -12.97
N THR A 56 -2.74 -5.00 -11.76
CA THR A 56 -1.75 -3.95 -11.58
C THR A 56 -0.52 -4.48 -10.82
N PHE A 57 0.66 -4.26 -11.41
CA PHE A 57 1.92 -4.67 -10.78
C PHE A 57 2.23 -3.80 -9.57
N SER A 58 2.58 -4.43 -8.44
CA SER A 58 3.07 -3.74 -7.25
C SER A 58 4.44 -4.28 -6.88
N SER A 59 5.49 -3.46 -7.02
CA SER A 59 6.84 -3.95 -6.76
C SER A 59 7.15 -3.99 -5.27
N LYS A 60 8.10 -4.85 -4.92
CA LYS A 60 8.53 -4.92 -3.53
C LYS A 60 9.17 -3.62 -3.06
N GLU A 61 9.84 -2.89 -3.97
CA GLU A 61 10.37 -1.57 -3.62
C GLU A 61 9.25 -0.63 -3.17
N GLU A 62 8.16 -0.56 -3.93
CA GLU A 62 7.10 0.39 -3.54
C GLU A 62 6.33 -0.12 -2.33
N GLN A 63 6.23 -1.44 -2.16
CA GLN A 63 5.61 -2.00 -0.96
C GLN A 63 6.39 -1.65 0.30
N TYR A 64 7.72 -1.73 0.25
CA TYR A 64 8.53 -1.32 1.39
C TYR A 64 8.27 0.15 1.74
N GLU A 65 8.35 1.02 0.73
CA GLU A 65 8.10 2.44 0.94
C GLU A 65 6.75 2.66 1.61
N LYS A 66 5.72 1.96 1.13
CA LYS A 66 4.42 2.10 1.76
C LYS A 66 4.45 1.58 3.18
N LEU A 67 5.23 0.53 3.45
CA LEU A 67 5.29 -0.01 4.79
C LEU A 67 5.87 0.99 5.79
N THR A 68 6.91 1.72 5.39
CA THR A 68 7.49 2.71 6.28
C THR A 68 6.57 3.91 6.43
N GLU A 69 5.83 4.26 5.38
CA GLU A 69 4.85 5.32 5.48
C GLU A 69 3.72 4.96 6.42
N ILE A 70 3.46 3.67 6.64
CA ILE A 70 2.38 3.28 7.54
C ILE A 70 2.87 3.09 8.96
N MET A 71 4.02 2.46 9.13
CA MET A 71 4.56 2.07 10.43
C MET A 71 5.53 3.10 10.97
N GLY A 72 5.93 4.06 10.17
CA GLY A 72 6.97 4.96 10.59
C GLY A 72 8.38 4.45 10.37
N ASP A 73 9.26 5.41 10.06
CA ASP A 73 10.72 5.30 9.94
C ASP A 73 11.21 4.15 9.07
N ASN A 74 12.47 4.24 8.66
CA ASN A 74 13.10 3.13 7.99
C ASN A 74 13.35 2.00 8.99
N TRP A 75 13.26 0.77 8.50
CA TRP A 75 13.67 -0.41 9.27
C TRP A 75 15.20 -0.50 9.11
N LYS A 76 15.90 0.28 9.93
CA LYS A 76 17.32 0.55 9.71
C LYS A 76 18.11 -0.73 9.51
N ILE A 77 17.87 -1.75 10.34
CA ILE A 77 18.78 -2.88 10.34
C ILE A 77 18.65 -3.71 9.08
N PHE A 78 17.56 -3.57 8.34
CA PHE A 78 17.42 -4.25 7.07
C PHE A 78 18.00 -3.48 5.90
N GLU A 79 18.34 -2.21 6.07
CA GLU A 79 18.63 -1.42 4.90
C GLU A 79 20.01 -1.75 4.36
N GLY A 80 20.13 -1.71 3.03
CA GLY A 80 21.28 -2.25 2.34
C GLY A 80 21.18 -3.72 2.01
N ASP A 81 20.31 -4.46 2.69
CA ASP A 81 20.14 -5.87 2.40
C ASP A 81 19.02 -6.07 1.40
N ALA A 82 18.91 -7.30 0.91
CA ALA A 82 17.94 -7.59 -0.13
C ALA A 82 16.52 -7.48 0.41
N ASN A 83 15.62 -6.95 -0.42
CA ASN A 83 14.23 -6.75 -0.01
C ASN A 83 13.52 -8.11 0.03
N PRO A 84 13.06 -8.57 1.18
CA PRO A 84 12.40 -9.88 1.25
C PRO A 84 10.92 -9.85 0.90
N LEU A 85 10.30 -8.69 0.73
CA LEU A 85 8.93 -8.69 0.27
C LEU A 85 8.75 -9.26 -1.14
N TYR A 86 7.52 -9.50 -1.51
CA TYR A 86 7.35 -10.08 -2.84
C TYR A 86 6.75 -9.10 -3.82
N ASP A 87 7.18 -9.22 -5.05
CA ASP A 87 6.51 -8.54 -6.17
C ASP A 87 5.12 -9.19 -6.26
N ALA A 88 4.12 -8.38 -6.63
CA ALA A 88 2.77 -8.94 -6.70
C ALA A 88 1.99 -8.27 -7.81
N TYR A 89 0.87 -8.90 -8.16
CA TYR A 89 -0.19 -8.29 -8.95
C TYR A 89 -1.41 -8.10 -8.05
N ILE A 90 -1.91 -6.86 -8.00
CA ILE A 90 -3.17 -6.56 -7.32
C ILE A 90 -4.25 -6.79 -8.36
N VAL A 91 -5.07 -7.81 -8.15
CA VAL A 91 -6.10 -8.18 -9.13
C VAL A 91 -7.45 -7.62 -8.66
N GLU A 92 -8.18 -7.00 -9.59
CA GLU A 92 -9.53 -6.50 -9.32
C GLU A 92 -10.52 -7.43 -10.01
N ALA A 93 -11.32 -8.12 -9.20
CA ALA A 93 -12.39 -8.98 -9.69
C ALA A 93 -13.53 -8.13 -10.27
N ASN A 94 -14.28 -8.71 -11.21
CA ASN A 94 -15.46 -8.00 -11.72
C ASN A 94 -16.52 -7.79 -10.64
N ALA A 95 -16.61 -8.71 -9.69
CA ALA A 95 -17.65 -8.68 -8.67
C ALA A 95 -17.16 -9.45 -7.46
N PRO A 96 -17.67 -9.15 -6.27
CA PRO A 96 -17.18 -9.85 -5.07
C PRO A 96 -17.34 -11.37 -5.11
N ASN A 97 -18.35 -11.92 -5.80
CA ASN A 97 -18.56 -13.36 -5.82
C ASN A 97 -17.56 -14.10 -6.69
N ASP A 98 -16.77 -13.37 -7.50
CA ASP A 98 -15.74 -13.95 -8.34
C ASP A 98 -14.42 -14.15 -7.61
N VAL A 99 -14.26 -13.53 -6.45
CA VAL A 99 -12.97 -13.50 -5.77
C VAL A 99 -12.45 -14.91 -5.47
N LYS A 100 -13.29 -15.76 -4.88
CA LYS A 100 -12.84 -17.09 -4.48
C LYS A 100 -12.37 -17.89 -5.68
N THR A 101 -13.07 -17.77 -6.81
CA THR A 101 -12.68 -18.49 -8.01
C THR A 101 -11.38 -17.94 -8.58
N ILE A 102 -11.21 -16.63 -8.56
CA ILE A 102 -9.99 -16.02 -9.08
C ILE A 102 -8.79 -16.47 -8.27
N ALA A 103 -8.94 -16.54 -6.94
CA ALA A 103 -7.83 -16.93 -6.09
C ALA A 103 -7.36 -18.34 -6.42
N GLU A 104 -8.28 -19.31 -6.36
CA GLU A 104 -7.94 -20.70 -6.68
C GLU A 104 -7.31 -20.82 -8.05
N ASP A 105 -7.89 -20.15 -9.04
CA ASP A 105 -7.34 -20.23 -10.38
C ASP A 105 -5.95 -19.61 -10.42
N ALA A 106 -5.76 -18.51 -9.68
CA ALA A 106 -4.45 -17.86 -9.68
C ALA A 106 -3.38 -18.73 -9.02
N LYS A 107 -3.76 -19.54 -8.02
CA LYS A 107 -2.77 -20.36 -7.31
C LYS A 107 -2.10 -21.35 -8.25
N LYS A 108 -2.83 -21.82 -9.28
CA LYS A 108 -2.33 -22.83 -10.21
C LYS A 108 -1.39 -22.27 -11.27
N ILE A 109 -1.31 -20.94 -11.41
CA ILE A 109 -0.48 -20.39 -12.47
C ILE A 109 0.99 -20.62 -12.16
N GLU A 110 1.74 -21.09 -13.16
CA GLU A 110 3.17 -21.29 -12.98
C GLU A 110 3.86 -19.94 -12.81
N GLY A 111 4.59 -19.80 -11.71
CA GLY A 111 5.23 -18.55 -11.38
C GLY A 111 4.60 -17.86 -10.20
N VAL A 112 3.40 -18.29 -9.77
CA VAL A 112 2.71 -17.70 -8.64
C VAL A 112 3.18 -18.40 -7.38
N SER A 113 3.63 -17.61 -6.41
CA SER A 113 4.06 -18.19 -5.14
C SER A 113 2.90 -18.37 -4.17
N GLU A 114 2.10 -17.32 -3.96
CA GLU A 114 0.94 -17.37 -3.09
C GLU A 114 -0.11 -16.38 -3.57
N VAL A 115 -1.35 -16.57 -3.11
CA VAL A 115 -2.39 -15.59 -3.34
C VAL A 115 -3.15 -15.36 -2.04
N GLN A 116 -3.59 -14.13 -1.84
CA GLN A 116 -4.45 -13.79 -0.72
C GLN A 116 -5.77 -13.29 -1.28
N ASP A 117 -6.87 -13.97 -0.92
CA ASP A 117 -8.19 -13.55 -1.39
C ASP A 117 -8.80 -12.59 -0.37
N ILE B 6 4.40 8.80 -5.44
CA ILE B 6 4.56 9.47 -4.16
C ILE B 6 5.99 10.05 -4.05
N GLU B 7 7.00 9.18 -4.20
CA GLU B 7 8.43 9.56 -4.21
C GLU B 7 8.93 9.99 -2.84
N ASN B 8 9.93 9.26 -2.32
CA ASN B 8 10.51 9.56 -1.01
C ASN B 8 11.07 10.98 -0.94
N ASN B 9 11.67 11.45 -2.03
CA ASN B 9 12.45 12.69 -2.01
C ASN B 9 11.60 13.89 -1.57
N VAL B 10 10.34 13.92 -1.97
CA VAL B 10 9.51 15.11 -1.78
C VAL B 10 8.36 14.85 -0.80
N ARG B 11 8.42 13.76 -0.04
CA ARG B 11 7.28 13.31 0.76
C ARG B 11 7.57 13.45 2.25
N VAL B 12 6.54 13.90 2.98
CA VAL B 12 6.53 13.97 4.43
C VAL B 12 5.22 13.36 4.90
N VAL B 13 5.29 12.53 5.93
CA VAL B 13 4.11 11.88 6.51
C VAL B 13 3.85 12.51 7.87
N VAL B 14 2.57 12.76 8.16
CA VAL B 14 2.11 13.49 9.33
C VAL B 14 0.97 12.68 9.91
N TYR B 15 1.23 11.98 11.02
CA TYR B 15 0.22 11.16 11.67
C TYR B 15 -0.51 12.00 12.71
N ILE B 16 -1.83 11.83 12.78
CA ILE B 16 -2.67 12.67 13.62
C ILE B 16 -3.12 11.85 14.82
N ARG B 17 -3.32 12.54 15.96
CA ARG B 17 -3.54 11.86 17.23
C ARG B 17 -4.79 11.00 17.18
N LYS B 18 -4.76 9.90 17.93
CA LYS B 18 -5.85 8.94 17.91
C LYS B 18 -7.17 9.58 18.30
N ASP B 19 -7.13 10.56 19.20
CA ASP B 19 -8.30 11.20 19.78
C ASP B 19 -8.75 12.42 18.98
N VAL B 20 -8.38 12.51 17.70
CA VAL B 20 -8.70 13.66 16.86
C VAL B 20 -9.31 13.14 15.56
N GLU B 21 -10.35 13.81 15.08
CA GLU B 21 -11.13 13.38 13.93
C GLU B 21 -11.15 14.50 12.89
N ASP B 22 -10.02 14.74 12.27
CA ASP B 22 -9.95 15.89 11.38
C ASP B 22 -10.77 15.72 10.09
N ASN B 23 -11.38 14.55 9.81
CA ASN B 23 -12.11 14.44 8.56
C ASN B 23 -13.52 13.87 8.64
N SER B 24 -14.01 13.49 9.81
CA SER B 24 -15.43 13.14 9.97
C SER B 24 -16.14 14.33 10.59
N GLN B 25 -16.92 15.05 9.77
CA GLN B 25 -17.61 16.26 10.23
C GLN B 25 -18.45 15.96 11.46
N THR B 26 -19.35 15.00 11.34
CA THR B 26 -20.09 14.52 12.51
C THR B 26 -19.12 13.83 13.46
N ILE B 27 -19.15 14.26 14.72
CA ILE B 27 -18.41 13.63 15.80
C ILE B 27 -19.44 13.22 16.84
N GLU B 28 -19.46 11.95 17.20
CA GLU B 28 -20.40 11.47 18.22
C GLU B 28 -19.61 11.11 19.48
N LYS B 29 -19.54 12.08 20.41
CA LYS B 29 -19.16 11.85 21.80
C LYS B 29 -20.39 11.49 22.63
N GLU B 30 -21.43 12.31 22.53
CA GLU B 30 -22.78 11.88 22.81
C GLU B 30 -23.28 11.04 21.64
N GLY B 31 -24.41 10.36 21.83
CA GLY B 31 -24.99 9.54 20.79
C GLY B 31 -25.19 10.23 19.45
N GLN B 32 -25.18 11.57 19.43
CA GLN B 32 -25.60 12.34 18.26
C GLN B 32 -24.48 13.27 17.78
N THR B 33 -24.75 13.93 16.65
CA THR B 33 -23.91 14.84 15.89
C THR B 33 -23.06 15.81 16.71
N VAL B 34 -21.89 16.18 16.19
CA VAL B 34 -21.14 17.31 16.71
C VAL B 34 -21.79 18.64 16.28
N ASP B 38 -13.03 21.11 16.72
CA ASP B 38 -11.81 21.03 15.92
C ASP B 38 -12.09 20.52 14.51
N TYR B 39 -11.38 21.07 13.53
CA TYR B 39 -11.53 20.58 12.16
C TYR B 39 -10.41 21.00 11.21
N HIS B 40 -10.79 21.23 9.94
CA HIS B 40 -9.92 21.29 8.76
C HIS B 40 -8.69 22.16 8.94
N LYS B 41 -8.63 22.95 10.01
CA LYS B 41 -7.43 23.73 10.27
C LYS B 41 -6.18 22.86 10.38
N VAL B 42 -6.34 21.53 10.48
CA VAL B 42 -5.22 20.64 10.22
C VAL B 42 -4.92 20.61 8.73
N TYR B 43 -5.91 20.20 7.92
CA TYR B 43 -5.84 20.13 6.46
C TYR B 43 -5.03 21.27 5.85
N ASP B 44 -5.65 22.43 5.64
CA ASP B 44 -5.06 23.47 4.80
C ASP B 44 -4.00 24.25 5.58
N SER B 45 -3.83 24.02 6.88
CA SER B 45 -2.66 24.58 7.55
C SER B 45 -1.38 24.02 6.96
N LEU B 46 -1.39 22.76 6.51
CA LEU B 46 -0.26 22.25 5.75
C LEU B 46 -0.21 22.74 4.31
N LYS B 47 -1.37 23.08 3.74
CA LYS B 47 -1.40 23.58 2.36
C LYS B 47 -0.58 24.85 2.22
N ASN B 48 -0.81 25.81 3.10
CA ASN B 48 -0.05 27.07 3.11
C ASN B 48 1.43 26.81 3.39
N VAL B 55 -0.24 17.40 -1.05
CA VAL B 55 -0.96 17.16 0.19
C VAL B 55 -2.24 16.33 -0.01
N THR B 56 -2.39 15.26 0.79
CA THR B 56 -3.50 14.33 0.66
C THR B 56 -3.65 13.52 1.95
N PHE B 57 -4.87 13.04 2.20
CA PHE B 57 -5.25 12.32 3.42
C PHE B 57 -5.21 10.81 3.19
N SER B 58 -4.62 10.08 4.14
CA SER B 58 -4.51 8.62 4.10
C SER B 58 -5.16 8.05 5.35
N SER B 59 -6.24 7.30 5.19
CA SER B 59 -6.98 6.82 6.33
C SER B 59 -6.24 5.67 7.01
N LYS B 60 -6.54 5.51 8.31
CA LYS B 60 -6.05 4.35 9.05
C LYS B 60 -6.61 3.04 8.50
N GLU B 61 -7.84 3.08 7.96
CA GLU B 61 -8.45 1.84 7.48
C GLU B 61 -7.84 1.39 6.17
N GLU B 62 -7.47 2.35 5.31
CA GLU B 62 -6.73 2.02 4.11
C GLU B 62 -5.34 1.51 4.46
N GLN B 63 -4.65 2.21 5.37
CA GLN B 63 -3.33 1.77 5.80
C GLN B 63 -3.34 0.30 6.21
N TYR B 64 -4.40 -0.12 6.92
CA TYR B 64 -4.48 -1.51 7.38
C TYR B 64 -4.71 -2.47 6.21
N GLU B 65 -5.55 -2.10 5.23
CA GLU B 65 -5.69 -2.97 4.05
C GLU B 65 -4.39 -3.07 3.27
N LYS B 66 -3.66 -1.95 3.16
CA LYS B 66 -2.39 -1.95 2.45
C LYS B 66 -1.40 -2.84 3.17
N LEU B 67 -1.44 -2.82 4.50
CA LEU B 67 -0.54 -3.63 5.30
C LEU B 67 -0.77 -5.12 5.07
N THR B 68 -2.04 -5.54 5.11
CA THR B 68 -2.32 -6.95 4.82
C THR B 68 -1.99 -7.30 3.38
N GLU B 69 -2.18 -6.35 2.47
CA GLU B 69 -1.86 -6.61 1.09
C GLU B 69 -0.36 -6.91 0.93
N ILE B 70 0.47 -6.20 1.70
CA ILE B 70 1.91 -6.30 1.59
C ILE B 70 2.44 -7.53 2.33
N MET B 71 1.93 -7.80 3.53
CA MET B 71 2.48 -8.85 4.38
C MET B 71 1.78 -10.19 4.22
N GLY B 72 0.68 -10.25 3.52
CA GLY B 72 -0.08 -11.47 3.46
C GLY B 72 -1.32 -11.36 4.32
N ASP B 73 -1.97 -12.52 4.51
CA ASP B 73 -3.35 -12.52 5.02
C ASP B 73 -3.57 -11.71 6.30
N ASN B 74 -4.83 -11.64 6.71
CA ASN B 74 -5.22 -10.87 7.88
C ASN B 74 -4.36 -11.18 9.10
N TRP B 75 -4.37 -10.26 10.06
CA TRP B 75 -3.76 -10.44 11.36
C TRP B 75 -4.93 -10.73 12.29
N LYS B 76 -5.32 -12.00 12.33
CA LYS B 76 -6.59 -12.42 12.91
C LYS B 76 -6.71 -12.03 14.38
N ILE B 77 -5.59 -11.90 15.10
CA ILE B 77 -5.58 -11.63 16.53
C ILE B 77 -5.99 -10.20 16.87
N PHE B 78 -6.03 -9.31 15.88
CA PHE B 78 -6.36 -7.92 16.12
C PHE B 78 -7.73 -7.51 15.58
N GLU B 79 -8.42 -8.39 14.85
CA GLU B 79 -9.65 -7.98 14.17
C GLU B 79 -10.73 -7.53 15.15
N GLY B 80 -10.79 -8.15 16.32
CA GLY B 80 -11.79 -7.80 17.30
C GLY B 80 -11.57 -6.54 18.11
N ASP B 81 -10.52 -5.80 17.78
CA ASP B 81 -10.15 -4.59 18.55
C ASP B 81 -9.91 -3.42 17.62
N ALA B 82 -9.71 -2.24 18.18
CA ALA B 82 -9.54 -1.02 17.39
C ALA B 82 -8.31 -1.01 16.50
N ASN B 83 -8.37 -0.18 15.46
CA ASN B 83 -7.25 -0.03 14.53
C ASN B 83 -6.12 0.76 15.19
N PRO B 84 -4.94 0.16 15.35
CA PRO B 84 -3.84 0.86 16.07
C PRO B 84 -3.07 1.83 15.21
N LEU B 85 -3.29 1.84 13.90
CA LEU B 85 -2.57 2.78 13.07
C LEU B 85 -3.19 4.16 13.19
N TYR B 86 -2.54 5.14 12.58
CA TYR B 86 -2.91 6.53 12.72
C TYR B 86 -3.39 7.07 11.36
N ASP B 87 -4.48 7.82 11.39
CA ASP B 87 -4.82 8.66 10.24
C ASP B 87 -3.62 9.56 9.97
N ALA B 88 -3.41 9.86 8.70
CA ALA B 88 -2.25 10.67 8.33
C ALA B 88 -2.59 11.50 7.13
N TYR B 89 -1.67 12.40 6.80
CA TYR B 89 -1.71 13.18 5.57
C TYR B 89 -0.37 12.96 4.88
N ILE B 90 -0.41 12.42 3.67
CA ILE B 90 0.81 12.34 2.87
C ILE B 90 1.01 13.67 2.17
N VAL B 91 2.23 14.20 2.25
CA VAL B 91 2.48 15.56 1.80
C VAL B 91 3.71 15.59 0.90
N ALA B 95 10.30 19.81 -3.02
CA ALA B 95 11.67 19.69 -3.54
C ALA B 95 12.60 19.06 -2.50
N PRO B 96 13.64 18.35 -2.98
CA PRO B 96 14.46 17.54 -2.05
C PRO B 96 15.05 18.31 -0.88
N ASN B 97 15.71 19.44 -1.12
CA ASN B 97 16.33 20.17 -0.01
C ASN B 97 15.29 20.87 0.85
N ASP B 98 14.08 21.05 0.33
CA ASP B 98 12.98 21.70 1.05
C ASP B 98 12.12 20.62 1.73
N VAL B 99 12.73 19.96 2.72
CA VAL B 99 12.04 18.86 3.41
C VAL B 99 12.07 19.06 4.92
N LYS B 100 13.26 18.96 5.52
CA LYS B 100 13.47 19.06 6.97
C LYS B 100 12.70 20.22 7.57
N THR B 101 12.46 21.24 6.75
CA THR B 101 11.81 22.47 7.20
C THR B 101 10.36 22.21 7.65
N ILE B 102 9.50 21.81 6.71
CA ILE B 102 8.08 21.64 7.01
C ILE B 102 7.85 20.41 7.88
N ALA B 103 8.82 19.49 7.92
CA ALA B 103 8.77 18.40 8.90
C ALA B 103 8.74 18.98 10.31
N GLU B 104 9.76 19.76 10.66
CA GLU B 104 9.73 20.53 11.91
C GLU B 104 8.43 21.32 12.00
N ASP B 105 8.06 22.01 10.93
CA ASP B 105 6.83 22.80 10.94
C ASP B 105 5.61 21.95 11.28
N ALA B 106 5.56 20.73 10.74
CA ALA B 106 4.35 19.93 10.85
C ALA B 106 4.14 19.41 12.27
N LYS B 107 5.22 19.23 13.03
CA LYS B 107 5.08 18.80 14.41
C LYS B 107 4.53 19.91 15.29
N LYS B 108 4.54 21.15 14.80
CA LYS B 108 4.02 22.28 15.56
C LYS B 108 2.52 22.16 15.80
N ILE B 109 1.78 21.78 14.75
CA ILE B 109 0.32 21.87 14.78
C ILE B 109 -0.25 21.08 15.95
N GLU B 110 -1.25 21.66 16.61
CA GLU B 110 -1.98 20.94 17.66
C GLU B 110 -2.72 19.75 17.04
N GLY B 111 -2.86 18.69 17.83
CA GLY B 111 -3.48 17.46 17.38
C GLY B 111 -2.56 16.43 16.72
N VAL B 112 -1.50 16.88 16.04
CA VAL B 112 -0.62 15.96 15.33
C VAL B 112 0.13 15.08 16.33
N SER B 113 0.22 13.79 16.02
CA SER B 113 0.96 12.85 16.87
C SER B 113 2.45 12.84 16.52
N GLU B 114 2.78 12.48 15.28
CA GLU B 114 4.17 12.43 14.84
C GLU B 114 4.26 12.81 13.37
N VAL B 115 5.49 13.07 12.91
CA VAL B 115 5.74 13.31 11.49
C VAL B 115 7.03 12.58 11.09
N GLN B 116 7.11 12.19 9.81
CA GLN B 116 8.25 11.44 9.28
C GLN B 116 8.71 12.03 7.96
N ASP B 117 10.03 12.12 7.79
CA ASP B 117 10.61 12.72 6.59
C ASP B 117 11.39 11.70 5.75
C2 UMQ C . 16.77 1.38 -2.60
C4 UMQ C . 15.95 3.59 -3.32
C5 UMQ C . 16.70 4.24 -2.11
C6 UMQ C . 16.10 5.52 -1.82
O2 UMQ C . 18.25 1.17 -2.51
O4 UMQ C . 16.09 4.47 -4.42
C1 UMQ C . 16.17 1.91 -1.32
C3 UMQ C . 16.43 2.23 -3.72
O1 UMQ C . 16.38 1.02 -0.25
O3 UMQ C . 15.34 1.54 -4.49
O5 UMQ C . 16.63 3.28 -0.94
O6 UMQ C . 16.00 5.76 -0.41
C1' UMQ C . 15.62 -2.24 1.44
C2' UMQ C . 16.91 -2.33 0.65
C3' UMQ C . 17.21 -1.11 -0.17
C4' UMQ C . 16.05 -0.35 -0.67
C5' UMQ C . 14.62 -0.71 -0.18
C6' UMQ C . 13.65 -0.74 -1.32
O1' UMQ C . 15.35 -3.44 2.05
O3' UMQ C . 18.03 -1.43 -1.33
O5' UMQ C . 14.51 -2.02 0.51
O6' UMQ C . 13.60 -2.08 -1.85
O2' UMQ C . 18.04 -2.57 1.54
CA UMQ C . 14.67 -3.38 3.28
CB UMQ C . 13.27 -4.05 3.17
CC UMQ C . 12.84 -4.52 4.60
CD UMQ C . 11.26 -4.75 4.61
CF UMQ C . 10.75 -4.94 6.11
CG UMQ C . 11.25 -6.33 6.61
CH UMQ C . 10.22 -7.44 6.30
CI UMQ C . 10.10 -8.38 7.54
CJ UMQ C . 9.39 -9.71 7.20
CK UMQ C . 9.43 -10.66 8.43
CL UMQ C . 9.86 -12.05 8.02
S SO4 D . 7.15 -24.65 -4.02
O1 SO4 D . 7.38 -25.60 -5.10
O2 SO4 D . 8.43 -24.29 -3.43
O3 SO4 D . 6.49 -23.45 -4.54
O4 SO4 D . 6.30 -25.28 -3.01
C TRS E . -10.18 -3.77 11.79
C1 TRS E . -11.27 -3.14 12.65
C2 TRS E . -8.81 -3.22 12.22
C3 TRS E . -10.43 -3.45 10.30
N TRS E . -10.21 -5.21 11.96
O1 TRS E . -11.11 -3.48 14.00
O2 TRS E . -7.94 -4.26 12.58
O3 TRS E . -10.09 -2.12 10.01
#